data_2Z00
#
_entry.id   2Z00
#
_cell.length_a   129.937
_cell.length_b   129.937
_cell.length_c   209.906
_cell.angle_alpha   90.00
_cell.angle_beta   90.00
_cell.angle_gamma   120.00
#
_symmetry.space_group_name_H-M   'P 65 2 2'
#
loop_
_entity.id
_entity.type
_entity.pdbx_description
1 polymer Dihydroorotase
2 non-polymer 'ZINC ION'
3 water water
#
_entity_poly.entity_id   1
_entity_poly.type   'polypeptide(L)'
_entity_poly.pdbx_seq_one_letter_code
;(MSE)ILIRNVRLVDARGERGPADVLIGEGRILSLEGGEAKQVVDGTGCFLAPGFLDLHAHLREPGEEVKEDLFSGLLAA
VRGGYTDLVS(MSE)PNTKPPVDTPEAVRALKEKAKALGLARLHPAAALTEKQEGKTLTPAGLLREAGAVLLTDDGRTNE
DAGVLAAGLL(MSE)AAPLGLPVAVHAEDAGLRRNGV(MSE)NDGPLADLLGLPGNPPEAEAARIARDLEVLRYALRRSP
ATPRLHVQHLSTKRGLELVREAKRAGLPVTAEATPHHLTLTEEALRTFDPLFKVAPPLRGEEDREALLEGLLDGTLDAIA
TDHAPHTLAEKEKDLLRAPFGIPSLEVAFPLLYTELHLKRGFPLQRLVELFTDGPRRVLGLPPLHLEEGAEASLVLLSPK
ERPVDPSAFASKARYSPWAGWVLGGWPVLTLVAGRIVHEALK
;
_entity_poly.pdbx_strand_id   A
#
loop_
_chem_comp.id
_chem_comp.type
_chem_comp.name
_chem_comp.formula
ZN non-polymer 'ZINC ION' 'Zn 2'
#
# COMPACT_ATOMS: atom_id res chain seq x y z
N MSE A 1 5.08 29.49 -1.03
CA MSE A 1 3.88 29.94 -1.80
C MSE A 1 4.04 29.64 -3.27
O MSE A 1 4.96 30.13 -3.93
CB MSE A 1 3.67 31.44 -1.60
CG MSE A 1 2.49 31.99 -2.37
SE MSE A 1 1.93 33.51 -1.64
CE MSE A 1 1.02 32.86 -0.28
N ILE A 2 3.13 28.84 -3.82
CA ILE A 2 3.21 28.43 -5.20
C ILE A 2 1.86 28.53 -5.93
N LEU A 3 1.90 28.85 -7.22
CA LEU A 3 0.68 28.94 -8.02
C LEU A 3 0.74 27.93 -9.16
N ILE A 4 -0.23 27.02 -9.19
CA ILE A 4 -0.30 26.02 -10.24
C ILE A 4 -1.47 26.41 -11.14
N ARG A 5 -1.15 26.80 -12.36
CA ARG A 5 -2.17 27.25 -13.30
C ARG A 5 -2.69 26.24 -14.31
N ASN A 6 -3.95 26.45 -14.70
CA ASN A 6 -4.62 25.61 -15.68
C ASN A 6 -4.49 24.11 -15.41
N VAL A 7 -4.71 23.71 -14.17
CA VAL A 7 -4.58 22.31 -13.80
C VAL A 7 -5.91 21.70 -13.38
N ARG A 8 -6.10 20.43 -13.69
CA ARG A 8 -7.31 19.72 -13.31
C ARG A 8 -7.19 19.32 -11.84
N LEU A 9 -8.32 19.26 -11.15
CA LEU A 9 -8.35 18.89 -9.73
C LEU A 9 -9.05 17.55 -9.61
N VAL A 10 -8.45 16.62 -8.89
CA VAL A 10 -9.06 15.31 -8.72
C VAL A 10 -8.93 14.68 -7.34
N ASP A 11 -10.05 14.51 -6.65
CA ASP A 11 -10.05 13.82 -5.37
C ASP A 11 -11.24 12.87 -5.42
N ALA A 12 -11.46 12.11 -4.35
CA ALA A 12 -12.56 11.13 -4.32
C ALA A 12 -13.92 11.68 -4.73
N ARG A 13 -14.15 12.98 -4.52
CA ARG A 13 -15.42 13.61 -4.86
C ARG A 13 -15.65 13.84 -6.34
N GLY A 14 -14.59 13.85 -7.13
CA GLY A 14 -14.76 14.06 -8.56
C GLY A 14 -13.67 14.90 -9.20
N GLU A 15 -13.79 15.09 -10.51
CA GLU A 15 -12.81 15.88 -11.27
C GLU A 15 -13.38 17.27 -11.54
N ARG A 16 -12.57 18.29 -11.31
CA ARG A 16 -12.98 19.67 -11.54
C ARG A 16 -11.89 20.42 -12.28
N GLY A 17 -12.12 21.70 -12.57
CA GLY A 17 -11.13 22.50 -13.27
C GLY A 17 -11.20 22.28 -14.78
N PRO A 18 -10.19 22.71 -15.54
CA PRO A 18 -8.94 23.38 -15.14
C PRO A 18 -9.14 24.57 -14.20
N ALA A 19 -8.18 24.76 -13.31
CA ALA A 19 -8.25 25.84 -12.35
C ALA A 19 -6.85 26.30 -11.96
N ASP A 20 -6.78 27.49 -11.37
CA ASP A 20 -5.51 28.02 -10.90
C ASP A 20 -5.51 27.83 -9.39
N VAL A 21 -4.57 27.04 -8.88
CA VAL A 21 -4.50 26.76 -7.45
C VAL A 21 -3.37 27.53 -6.77
N LEU A 22 -3.73 28.30 -5.74
CA LEU A 22 -2.75 29.06 -4.99
C LEU A 22 -2.48 28.34 -3.66
N ILE A 23 -1.22 28.00 -3.44
CA ILE A 23 -0.81 27.30 -2.24
C ILE A 23 0.15 28.17 -1.43
N GLY A 24 -0.10 28.25 -0.13
CA GLY A 24 0.74 29.05 0.74
C GLY A 24 0.37 28.83 2.19
N GLU A 25 1.28 29.15 3.11
CA GLU A 25 1.02 28.97 4.54
C GLU A 25 0.71 27.50 4.84
N GLY A 26 1.22 26.62 3.98
CA GLY A 26 1.00 25.19 4.18
C GLY A 26 -0.42 24.73 3.87
N ARG A 27 -1.20 25.56 3.21
CA ARG A 27 -2.58 25.21 2.87
C ARG A 27 -2.93 25.60 1.45
N ILE A 28 -4.09 25.15 0.98
CA ILE A 28 -4.57 25.52 -0.34
C ILE A 28 -5.31 26.84 -0.05
N LEU A 29 -4.69 27.95 -0.42
CA LEU A 29 -5.29 29.25 -0.16
C LEU A 29 -6.45 29.60 -1.09
N SER A 30 -6.31 29.25 -2.36
CA SER A 30 -7.36 29.57 -3.32
C SER A 30 -7.41 28.63 -4.51
N LEU A 31 -8.61 28.44 -5.04
CA LEU A 31 -8.82 27.60 -6.22
C LEU A 31 -9.25 28.51 -7.36
N GLU A 32 -9.18 29.82 -7.11
CA GLU A 32 -9.54 30.81 -8.10
C GLU A 32 -8.35 31.71 -8.43
N GLY A 33 -7.16 31.15 -8.31
CA GLY A 33 -5.96 31.91 -8.61
C GLY A 33 -5.42 32.78 -7.49
N GLY A 34 -4.44 33.61 -7.84
CA GLY A 34 -3.83 34.50 -6.88
C GLY A 34 -2.47 34.92 -7.40
N GLU A 35 -1.67 35.56 -6.56
CA GLU A 35 -0.34 36.01 -6.99
C GLU A 35 0.75 35.27 -6.26
N ALA A 36 1.75 34.83 -7.02
CA ALA A 36 2.88 34.10 -6.46
C ALA A 36 4.09 34.27 -7.37
N LYS A 37 5.28 34.27 -6.79
CA LYS A 37 6.51 34.40 -7.56
C LYS A 37 6.86 33.08 -8.24
N GLN A 38 6.44 31.97 -7.63
CA GLN A 38 6.71 30.65 -8.18
C GLN A 38 5.44 30.14 -8.86
N VAL A 39 5.48 30.09 -10.18
CA VAL A 39 4.33 29.67 -10.96
C VAL A 39 4.58 28.42 -11.79
N VAL A 40 3.74 27.43 -11.62
CA VAL A 40 3.86 26.16 -12.34
C VAL A 40 2.75 26.01 -13.37
N ASP A 41 3.14 25.75 -14.61
CA ASP A 41 2.16 25.56 -15.67
C ASP A 41 1.70 24.10 -15.59
N GLY A 42 0.50 23.88 -15.07
CA GLY A 42 -0.03 22.54 -14.94
C GLY A 42 -0.96 22.08 -16.06
N THR A 43 -0.82 22.69 -17.23
CA THR A 43 -1.65 22.33 -18.37
C THR A 43 -1.52 20.84 -18.67
N GLY A 44 -2.67 20.17 -18.79
CA GLY A 44 -2.66 18.74 -19.09
C GLY A 44 -2.43 17.85 -17.90
N CYS A 45 -2.04 18.44 -16.77
CA CYS A 45 -1.78 17.68 -15.56
C CYS A 45 -2.98 17.75 -14.62
N PHE A 46 -2.98 16.91 -13.60
CA PHE A 46 -4.04 16.97 -12.60
C PHE A 46 -3.41 16.91 -11.22
N LEU A 47 -4.03 17.62 -10.30
CA LEU A 47 -3.56 17.69 -8.93
C LEU A 47 -4.43 16.77 -8.08
N ALA A 48 -3.80 16.06 -7.15
CA ALA A 48 -4.54 15.15 -6.28
C ALA A 48 -4.00 15.26 -4.87
N PRO A 49 -4.80 14.81 -3.88
CA PRO A 49 -4.32 14.89 -2.49
C PRO A 49 -3.13 13.93 -2.40
N GLY A 50 -2.19 14.22 -1.51
CA GLY A 50 -1.04 13.33 -1.35
C GLY A 50 -1.49 11.90 -1.08
N PHE A 51 -0.81 10.92 -1.66
CA PHE A 51 -1.18 9.53 -1.46
C PHE A 51 -0.72 9.01 -0.10
N LEU A 52 -1.31 7.89 0.32
CA LEU A 52 -0.96 7.24 1.58
C LEU A 52 -0.86 5.74 1.34
N ASP A 53 0.31 5.18 1.60
CA ASP A 53 0.51 3.74 1.41
C ASP A 53 0.33 3.02 2.74
N LEU A 54 -0.55 2.02 2.72
CA LEU A 54 -0.87 1.22 3.89
C LEU A 54 0.08 0.04 4.12
N HIS A 55 0.95 -0.23 3.17
CA HIS A 55 1.79 -1.41 3.28
C HIS A 55 3.16 -1.31 2.64
N ALA A 56 4.13 -0.78 3.37
CA ALA A 56 5.49 -0.65 2.83
C ALA A 56 6.55 -1.21 3.77
N HIS A 57 7.43 -2.06 3.22
CA HIS A 57 8.50 -2.66 4.01
C HIS A 57 9.76 -1.82 3.79
N LEU A 58 10.12 -1.03 4.80
CA LEU A 58 11.29 -0.16 4.66
C LEU A 58 12.60 -0.78 5.16
N ARG A 59 12.80 -2.05 5.44
CA ARG A 59 14.08 -2.60 5.87
C ARG A 59 14.96 -1.82 6.85
N GLU A 60 14.27 -1.07 7.69
CA GLU A 60 15.04 -0.51 8.80
C GLU A 60 14.17 -0.64 10.04
N PRO A 61 14.75 -1.07 11.17
CA PRO A 61 16.15 -1.43 11.42
C PRO A 61 16.52 -2.87 11.05
N GLY A 62 17.82 -3.12 10.93
CA GLY A 62 18.28 -4.46 10.64
C GLY A 62 18.74 -4.84 9.25
N GLU A 63 18.05 -4.39 8.22
CA GLU A 63 18.43 -4.76 6.86
C GLU A 63 18.56 -3.57 5.92
N GLU A 64 19.20 -2.51 6.42
CA GLU A 64 19.40 -1.28 5.67
C GLU A 64 19.97 -1.48 4.28
N VAL A 65 20.70 -2.58 4.07
CA VAL A 65 21.28 -2.83 2.76
C VAL A 65 20.19 -3.01 1.70
N LYS A 66 19.03 -3.52 2.12
CA LYS A 66 17.91 -3.73 1.21
C LYS A 66 17.16 -2.41 0.97
N GLU A 67 17.06 -1.62 2.03
CA GLU A 67 16.34 -0.35 2.04
C GLU A 67 16.58 0.28 3.41
N ASP A 68 16.18 1.55 3.51
CA ASP A 68 16.14 2.19 4.82
C ASP A 68 15.20 3.38 4.71
N LEU A 69 14.99 4.09 5.80
CA LEU A 69 14.10 5.24 5.78
C LEU A 69 14.56 6.32 4.80
N PHE A 70 15.87 6.48 4.65
CA PHE A 70 16.43 7.47 3.73
C PHE A 70 15.97 7.22 2.30
N SER A 71 16.21 6.02 1.80
CA SER A 71 15.84 5.66 0.44
C SER A 71 14.33 5.40 0.30
N GLY A 72 13.76 4.77 1.32
CA GLY A 72 12.34 4.45 1.30
C GLY A 72 11.38 5.63 1.33
N LEU A 73 11.61 6.60 2.20
CA LEU A 73 10.73 7.75 2.28
C LEU A 73 10.93 8.69 1.08
N LEU A 74 12.11 8.62 0.47
CA LEU A 74 12.39 9.45 -0.69
C LEU A 74 11.62 8.82 -1.86
N ALA A 75 11.74 7.49 -2.00
CA ALA A 75 11.05 6.77 -3.05
C ALA A 75 9.56 7.06 -2.91
N ALA A 76 9.11 7.11 -1.66
CA ALA A 76 7.70 7.36 -1.38
C ALA A 76 7.23 8.70 -1.95
N VAL A 77 7.93 9.80 -1.66
CA VAL A 77 7.50 11.09 -2.18
C VAL A 77 7.59 11.15 -3.70
N ARG A 78 8.57 10.46 -4.27
CA ARG A 78 8.72 10.43 -5.72
C ARG A 78 7.55 9.65 -6.35
N GLY A 79 6.94 8.80 -5.54
CA GLY A 79 5.80 8.02 -6.00
C GLY A 79 4.48 8.74 -5.76
N GLY A 80 4.57 9.92 -5.14
CA GLY A 80 3.37 10.69 -4.86
C GLY A 80 2.82 10.54 -3.45
N TYR A 81 3.50 9.77 -2.62
CA TYR A 81 3.05 9.57 -1.25
C TYR A 81 3.54 10.62 -0.27
N THR A 82 2.62 11.18 0.51
CA THR A 82 2.93 12.17 1.52
C THR A 82 2.80 11.50 2.89
N ASP A 83 2.29 10.28 2.88
CA ASP A 83 2.08 9.50 4.10
C ASP A 83 2.35 8.02 3.81
N LEU A 84 2.98 7.33 4.76
CA LEU A 84 3.31 5.94 4.56
C LEU A 84 3.33 5.12 5.86
N VAL A 85 2.82 3.89 5.77
CA VAL A 85 2.77 2.99 6.91
C VAL A 85 3.84 1.91 6.75
N SER A 86 4.82 1.90 7.67
CA SER A 86 5.90 0.93 7.61
C SER A 86 5.49 -0.38 8.30
N MSE A 87 5.88 -1.49 7.70
CA MSE A 87 5.54 -2.78 8.29
C MSE A 87 6.51 -3.14 9.41
O MSE A 87 7.61 -2.55 9.47
CB MSE A 87 5.20 -3.79 7.19
CG MSE A 87 4.16 -3.30 6.19
SE MSE A 87 2.56 -4.09 6.41
CE MSE A 87 1.86 -3.10 7.73
N PRO A 88 6.13 -4.01 10.34
CA PRO A 88 7.06 -4.31 11.43
C PRO A 88 7.97 -5.53 11.37
N ASN A 89 7.99 -6.24 10.23
CA ASN A 89 8.85 -7.43 10.14
C ASN A 89 10.32 -7.11 9.91
N THR A 90 10.87 -6.24 10.75
CA THR A 90 12.27 -5.85 10.67
C THR A 90 13.16 -6.75 11.53
N LYS A 91 14.44 -6.41 11.64
CA LYS A 91 15.39 -7.19 12.44
C LYS A 91 15.99 -6.36 13.57
N PRO A 92 15.43 -6.47 14.79
CA PRO A 92 14.28 -7.28 15.17
C PRO A 92 12.96 -6.57 14.87
N PRO A 93 11.84 -7.30 14.93
CA PRO A 93 10.52 -6.72 14.66
C PRO A 93 10.16 -5.52 15.53
N VAL A 94 9.40 -4.59 14.96
CA VAL A 94 8.97 -3.40 15.68
C VAL A 94 7.82 -3.81 16.61
N ASP A 95 8.15 -4.10 17.86
CA ASP A 95 7.13 -4.51 18.83
C ASP A 95 7.21 -3.78 20.17
N THR A 96 7.97 -2.70 20.23
CA THR A 96 8.10 -1.93 21.46
C THR A 96 7.89 -0.44 21.19
N PRO A 97 7.45 0.31 22.20
CA PRO A 97 7.23 1.75 22.04
C PRO A 97 8.50 2.46 21.56
N GLU A 98 9.64 2.11 22.14
CA GLU A 98 10.90 2.74 21.76
C GLU A 98 11.27 2.52 20.30
N ALA A 99 10.99 1.34 19.77
CA ALA A 99 11.29 1.05 18.37
C ALA A 99 10.39 1.91 17.49
N VAL A 100 9.13 2.08 17.91
CA VAL A 100 8.19 2.90 17.18
C VAL A 100 8.63 4.36 17.21
N ARG A 101 9.04 4.84 18.38
CA ARG A 101 9.48 6.22 18.50
C ARG A 101 10.72 6.51 17.68
N ALA A 102 11.67 5.58 17.68
CA ALA A 102 12.90 5.76 16.91
C ALA A 102 12.59 5.99 15.43
N LEU A 103 11.72 5.15 14.88
CA LEU A 103 11.35 5.28 13.47
C LEU A 103 10.69 6.64 13.24
N LYS A 104 9.75 7.01 14.09
CA LYS A 104 9.06 8.29 13.95
C LYS A 104 9.99 9.49 14.06
N GLU A 105 10.98 9.42 14.95
CA GLU A 105 11.90 10.54 15.13
C GLU A 105 12.74 10.75 13.89
N LYS A 106 13.23 9.66 13.31
CA LYS A 106 14.05 9.76 12.12
C LYS A 106 13.24 10.29 10.95
N ALA A 107 12.02 9.78 10.79
CA ALA A 107 11.14 10.24 9.72
C ALA A 107 10.84 11.72 9.91
N LYS A 108 10.94 12.28 11.10
CA LYS A 108 10.58 13.65 11.24
C LYS A 108 11.75 14.60 10.95
N ALA A 109 12.90 14.00 11.25
CA ALA A 109 14.13 14.74 10.98
C ALA A 109 14.43 14.83 9.47
N LEU A 110 14.08 13.79 8.75
CA LEU A 110 14.28 13.71 7.27
C LEU A 110 13.34 14.60 6.48
N GLY A 111 12.16 14.86 7.04
CA GLY A 111 11.12 15.67 6.44
C GLY A 111 10.72 15.35 4.97
N LEU A 112 10.70 14.05 4.71
CA LEU A 112 9.96 13.67 3.50
C LEU A 112 8.73 12.82 4.01
N ALA A 113 8.21 11.85 3.26
CA ALA A 113 6.82 11.36 3.53
C ALA A 113 6.68 11.23 5.09
N ARG A 114 5.53 11.54 5.63
CA ARG A 114 4.96 11.27 6.95
C ARG A 114 5.01 9.78 7.28
N LEU A 115 5.74 9.39 8.38
CA LEU A 115 5.72 8.00 8.78
C LEU A 115 4.61 7.71 9.79
N HIS A 116 3.79 6.70 9.50
CA HIS A 116 2.81 6.25 10.45
C HIS A 116 3.17 4.74 10.64
N PRO A 117 3.86 4.52 11.76
CA PRO A 117 4.33 3.14 11.77
C PRO A 117 3.37 2.06 12.23
N ALA A 118 3.53 0.82 11.80
CA ALA A 118 2.69 -0.28 12.25
C ALA A 118 3.59 -1.06 13.21
N ALA A 119 2.99 -1.74 14.18
CA ALA A 119 3.75 -2.54 15.13
C ALA A 119 3.25 -3.98 15.06
N ALA A 120 4.04 -4.91 15.56
CA ALA A 120 3.65 -6.31 15.53
C ALA A 120 2.42 -6.57 16.40
N LEU A 121 1.67 -7.61 16.07
CA LEU A 121 0.49 -8.00 16.84
C LEU A 121 0.98 -8.84 18.02
N THR A 122 2.02 -9.63 17.77
CA THR A 122 2.61 -10.49 18.79
C THR A 122 4.12 -10.25 18.88
N GLU A 123 4.67 -10.47 20.07
CA GLU A 123 6.10 -10.26 20.30
C GLU A 123 6.93 -10.99 19.25
N LYS A 124 7.89 -10.27 18.67
CA LYS A 124 8.76 -10.81 17.64
C LYS A 124 7.96 -11.44 16.50
N GLN A 125 6.68 -11.12 16.44
CA GLN A 125 5.78 -11.67 15.43
C GLN A 125 5.88 -13.19 15.39
N GLU A 126 6.02 -13.80 16.57
CA GLU A 126 6.12 -15.25 16.64
C GLU A 126 4.75 -15.89 16.87
N GLY A 127 3.72 -15.05 16.90
CA GLY A 127 2.35 -15.51 17.05
C GLY A 127 1.92 -16.18 18.34
N LYS A 128 2.59 -15.88 19.45
CA LYS A 128 2.24 -16.51 20.72
C LYS A 128 1.78 -15.54 21.80
N THR A 129 2.47 -14.41 21.93
CA THR A 129 2.12 -13.43 22.97
C THR A 129 1.81 -12.06 22.38
N LEU A 130 0.66 -11.52 22.74
CA LEU A 130 0.25 -10.20 22.25
C LEU A 130 1.22 -9.12 22.75
N THR A 131 1.39 -8.09 21.93
CA THR A 131 2.26 -6.97 22.27
C THR A 131 1.48 -5.95 23.10
N PRO A 132 2.17 -4.97 23.69
CA PRO A 132 1.49 -3.96 24.51
C PRO A 132 0.87 -2.86 23.62
N ALA A 133 -0.23 -3.20 22.96
CA ALA A 133 -0.92 -2.28 22.06
C ALA A 133 -1.14 -0.88 22.63
N GLY A 134 -1.55 -0.80 23.89
CA GLY A 134 -1.79 0.49 24.50
C GLY A 134 -0.57 1.40 24.41
N LEU A 135 0.57 0.89 24.84
CA LEU A 135 1.82 1.66 24.80
C LEU A 135 2.24 1.92 23.36
N LEU A 136 2.06 0.92 22.49
CA LEU A 136 2.43 1.08 21.09
C LEU A 136 1.65 2.21 20.42
N ARG A 137 0.35 2.28 20.70
CA ARG A 137 -0.47 3.34 20.10
C ARG A 137 0.01 4.70 20.62
N GLU A 138 0.31 4.75 21.90
CA GLU A 138 0.77 5.98 22.54
C GLU A 138 2.06 6.46 21.88
N ALA A 139 2.91 5.52 21.48
CA ALA A 139 4.16 5.86 20.83
C ALA A 139 3.96 6.31 19.38
N GLY A 140 2.79 6.00 18.83
CA GLY A 140 2.50 6.40 17.46
C GLY A 140 2.07 5.32 16.48
N ALA A 141 1.96 4.07 16.92
CA ALA A 141 1.54 3.00 16.00
C ALA A 141 0.11 3.23 15.52
N VAL A 142 -0.13 2.98 14.23
CA VAL A 142 -1.45 3.19 13.65
C VAL A 142 -2.18 1.89 13.32
N LEU A 143 -1.46 0.77 13.36
CA LEU A 143 -2.09 -0.52 13.11
C LEU A 143 -1.18 -1.65 13.55
N LEU A 144 -1.86 -2.79 13.79
CA LEU A 144 -1.01 -3.91 14.28
C LEU A 144 -1.01 -5.03 13.23
N THR A 145 0.12 -5.67 12.95
CA THR A 145 0.20 -6.73 12.03
C THR A 145 1.43 -7.61 12.21
N ASP A 146 1.25 -8.89 11.99
CA ASP A 146 2.42 -9.76 12.09
C ASP A 146 2.90 -10.02 10.67
N ASP A 147 2.35 -9.25 9.71
CA ASP A 147 2.59 -9.43 8.29
C ASP A 147 3.99 -9.78 7.89
N GLY A 148 4.04 -10.83 7.09
CA GLY A 148 5.21 -11.53 6.65
C GLY A 148 4.73 -12.86 7.16
N ARG A 149 4.38 -12.71 8.42
CA ARG A 149 3.97 -13.92 9.09
C ARG A 149 2.45 -14.12 9.02
N THR A 150 2.32 -15.44 8.95
CA THR A 150 0.84 -15.65 8.95
C THR A 150 0.22 -15.71 10.38
N ASN A 151 -1.04 -15.69 10.82
CA ASN A 151 -1.62 -15.89 12.15
C ASN A 151 -2.32 -17.24 12.32
N GLU A 152 -1.57 -18.27 12.55
CA GLU A 152 -2.06 -19.63 12.64
C GLU A 152 -2.97 -19.92 13.84
N ASP A 153 -2.70 -19.30 14.98
CA ASP A 153 -3.52 -19.52 16.16
C ASP A 153 -4.70 -18.55 16.13
N ALA A 154 -5.90 -19.07 15.84
CA ALA A 154 -7.10 -18.25 15.78
C ALA A 154 -7.41 -17.58 17.12
N GLY A 155 -7.01 -18.22 18.22
CA GLY A 155 -7.26 -17.66 19.53
C GLY A 155 -6.45 -16.41 19.77
N VAL A 156 -5.21 -16.40 19.28
CA VAL A 156 -4.35 -15.23 19.44
C VAL A 156 -4.93 -14.08 18.63
N LEU A 157 -5.34 -14.35 17.39
CA LEU A 157 -5.91 -13.30 16.56
C LEU A 157 -7.16 -12.73 17.21
N ALA A 158 -8.00 -13.62 17.76
CA ALA A 158 -9.22 -13.17 18.42
C ALA A 158 -8.88 -12.25 19.59
N ALA A 159 -7.95 -12.69 20.43
CA ALA A 159 -7.55 -11.89 21.58
C ALA A 159 -6.94 -10.57 21.07
N GLY A 160 -6.21 -10.67 19.96
CA GLY A 160 -5.60 -9.48 19.38
C GLY A 160 -6.63 -8.45 18.98
N LEU A 161 -7.72 -8.92 18.36
CA LEU A 161 -8.78 -8.01 17.94
C LEU A 161 -9.43 -7.37 19.15
N LEU A 162 -9.60 -8.15 20.23
CA LEU A 162 -10.22 -7.62 21.43
C LEU A 162 -9.34 -6.54 22.06
N MSE A 163 -8.02 -6.76 22.06
CA MSE A 163 -7.09 -5.79 22.64
C MSE A 163 -7.08 -4.51 21.80
O MSE A 163 -7.03 -3.41 22.34
CB MSE A 163 -5.67 -6.38 22.70
CG MSE A 163 -4.59 -5.40 23.18
SE MSE A 163 -2.91 -6.10 23.22
CE MSE A 163 -2.59 -6.34 21.48
N ALA A 164 -7.15 -4.67 20.49
CA ALA A 164 -7.10 -3.55 19.56
C ALA A 164 -8.37 -2.71 19.42
N ALA A 165 -9.53 -3.35 19.50
CA ALA A 165 -10.80 -2.65 19.32
C ALA A 165 -10.97 -1.32 20.06
N PRO A 166 -10.76 -1.31 21.38
CA PRO A 166 -10.91 -0.06 22.14
C PRO A 166 -9.83 0.99 21.86
N LEU A 167 -8.73 0.56 21.25
CA LEU A 167 -7.64 1.49 20.95
C LEU A 167 -7.80 2.08 19.56
N GLY A 168 -8.78 1.58 18.81
CA GLY A 168 -9.00 2.07 17.47
C GLY A 168 -7.91 1.64 16.50
N LEU A 169 -7.13 0.64 16.90
CA LEU A 169 -6.05 0.12 16.06
C LEU A 169 -6.53 -1.04 15.19
N PRO A 170 -6.50 -0.87 13.86
CA PRO A 170 -6.95 -1.97 13.01
C PRO A 170 -5.95 -3.12 13.07
N VAL A 171 -6.42 -4.34 12.90
CA VAL A 171 -5.52 -5.48 12.90
C VAL A 171 -5.48 -5.94 11.45
N ALA A 172 -4.30 -5.83 10.83
CA ALA A 172 -4.13 -6.24 9.44
C ALA A 172 -3.49 -7.63 9.42
N VAL A 173 -4.05 -8.52 8.60
CA VAL A 173 -3.54 -9.87 8.53
C VAL A 173 -3.06 -10.28 7.14
N HIS A 174 -2.07 -11.16 7.12
CA HIS A 174 -1.54 -11.73 5.90
C HIS A 174 -2.33 -13.05 5.89
N ALA A 175 -3.45 -13.05 5.18
CA ALA A 175 -4.33 -14.20 5.14
C ALA A 175 -3.98 -15.35 4.20
N GLU A 176 -3.23 -16.30 4.73
CA GLU A 176 -2.86 -17.50 4.00
C GLU A 176 -2.78 -18.62 5.04
N ASP A 177 -3.42 -19.74 4.75
CA ASP A 177 -3.38 -20.89 5.66
C ASP A 177 -2.06 -21.61 5.38
N ALA A 178 -1.09 -21.45 6.27
CA ALA A 178 0.21 -22.08 6.09
C ALA A 178 0.13 -23.58 5.84
N GLY A 179 -0.87 -24.22 6.43
CA GLY A 179 -1.05 -25.65 6.27
C GLY A 179 -1.31 -26.07 4.82
N LEU A 180 -2.09 -25.25 4.14
CA LEU A 180 -2.46 -25.64 2.79
C LEU A 180 -1.47 -25.01 1.77
N ARG A 181 -0.83 -23.93 2.19
CA ARG A 181 0.09 -23.20 1.35
C ARG A 181 1.31 -24.09 1.13
N ARG A 182 1.64 -24.84 2.15
CA ARG A 182 2.88 -25.65 2.23
C ARG A 182 4.08 -24.86 1.78
N ASN A 183 4.87 -25.33 0.84
CA ASN A 183 5.89 -24.31 0.64
C ASN A 183 5.93 -23.86 -0.82
N GLY A 184 4.68 -23.49 -1.27
CA GLY A 184 4.43 -23.16 -2.61
C GLY A 184 5.24 -21.94 -2.93
N VAL A 185 5.88 -21.98 -4.11
CA VAL A 185 6.64 -20.78 -4.61
C VAL A 185 5.82 -19.93 -5.60
N MSE A 186 4.78 -20.47 -6.25
CA MSE A 186 3.90 -19.75 -7.15
C MSE A 186 2.47 -20.25 -6.98
O MSE A 186 2.21 -21.16 -6.20
CB MSE A 186 4.35 -19.91 -8.61
CG MSE A 186 4.17 -21.33 -9.20
SE MSE A 186 4.55 -21.43 -10.99
CE MSE A 186 3.00 -20.85 -11.67
N ASN A 187 1.54 -19.65 -7.71
CA ASN A 187 0.14 -20.03 -7.65
C ASN A 187 -0.06 -21.49 -8.07
N ASP A 188 -0.82 -22.24 -7.28
CA ASP A 188 -1.07 -23.63 -7.59
C ASP A 188 -2.10 -23.77 -8.71
N GLY A 189 -1.91 -24.77 -9.56
CA GLY A 189 -2.81 -25.01 -10.68
C GLY A 189 -2.09 -25.63 -11.85
N PRO A 190 -2.72 -25.69 -13.03
CA PRO A 190 -2.11 -26.26 -14.23
C PRO A 190 -0.74 -25.70 -14.59
N LEU A 191 -0.60 -24.37 -14.56
CA LEU A 191 0.67 -23.75 -14.90
C LEU A 191 1.78 -24.22 -13.96
N ALA A 192 1.48 -24.29 -12.67
CA ALA A 192 2.47 -24.75 -11.69
C ALA A 192 2.93 -26.15 -12.06
N ASP A 193 1.99 -27.01 -12.44
CA ASP A 193 2.31 -28.38 -12.83
C ASP A 193 3.15 -28.38 -14.11
N LEU A 194 2.78 -27.53 -15.07
CA LEU A 194 3.50 -27.45 -16.33
C LEU A 194 4.94 -27.04 -16.10
N LEU A 195 5.15 -26.14 -15.15
CA LEU A 195 6.49 -25.64 -14.84
C LEU A 195 7.24 -26.51 -13.83
N GLY A 196 6.56 -27.51 -13.28
CA GLY A 196 7.21 -28.39 -12.31
C GLY A 196 7.59 -27.68 -11.03
N LEU A 197 6.75 -26.75 -10.58
CA LEU A 197 7.02 -26.00 -9.36
C LEU A 197 5.98 -26.29 -8.27
N PRO A 198 6.41 -26.28 -7.00
CA PRO A 198 5.46 -26.53 -5.91
C PRO A 198 4.43 -25.39 -5.86
N GLY A 199 3.16 -25.75 -5.91
CA GLY A 199 2.11 -24.75 -5.90
C GLY A 199 1.56 -24.31 -4.55
N ASN A 200 1.16 -23.05 -4.49
CA ASN A 200 0.58 -22.45 -3.30
C ASN A 200 -0.88 -22.25 -3.71
N PRO A 201 -1.77 -23.11 -3.23
CA PRO A 201 -3.20 -23.03 -3.56
C PRO A 201 -3.86 -21.70 -3.25
N PRO A 202 -4.57 -21.11 -4.22
CA PRO A 202 -5.24 -19.85 -3.93
C PRO A 202 -6.29 -20.09 -2.85
N GLU A 203 -6.68 -21.35 -2.70
CA GLU A 203 -7.67 -21.72 -1.69
C GLU A 203 -7.06 -21.54 -0.30
N ALA A 204 -5.73 -21.49 -0.22
CA ALA A 204 -5.05 -21.31 1.05
C ALA A 204 -5.39 -19.91 1.56
N GLU A 205 -5.54 -18.97 0.63
CA GLU A 205 -5.89 -17.61 1.01
C GLU A 205 -7.37 -17.54 1.37
N ALA A 206 -8.21 -18.15 0.54
CA ALA A 206 -9.65 -18.15 0.79
C ALA A 206 -9.97 -18.80 2.13
N ALA A 207 -9.27 -19.88 2.44
CA ALA A 207 -9.48 -20.60 3.68
C ALA A 207 -9.19 -19.73 4.91
N ARG A 208 -8.09 -18.99 4.88
CA ARG A 208 -7.72 -18.14 6.01
C ARG A 208 -8.64 -16.92 6.12
N ILE A 209 -9.01 -16.33 4.99
CA ILE A 209 -9.91 -15.18 5.01
C ILE A 209 -11.26 -15.62 5.59
N ALA A 210 -11.77 -16.76 5.13
CA ALA A 210 -13.03 -17.28 5.60
C ALA A 210 -12.98 -17.48 7.11
N ARG A 211 -11.89 -18.07 7.59
CA ARG A 211 -11.72 -18.30 9.03
C ARG A 211 -11.73 -16.98 9.78
N ASP A 212 -10.91 -16.04 9.34
CA ASP A 212 -10.80 -14.74 10.00
C ASP A 212 -12.10 -13.96 10.07
N LEU A 213 -12.95 -14.09 9.06
CA LEU A 213 -14.22 -13.37 9.09
C LEU A 213 -15.12 -13.92 10.20
N GLU A 214 -15.00 -15.22 10.50
CA GLU A 214 -15.79 -15.79 11.58
C GLU A 214 -15.20 -15.36 12.92
N VAL A 215 -13.86 -15.23 12.96
CA VAL A 215 -13.18 -14.79 14.16
C VAL A 215 -13.56 -13.34 14.44
N LEU A 216 -13.77 -12.57 13.38
CA LEU A 216 -14.17 -11.17 13.52
C LEU A 216 -15.55 -11.09 14.16
N ARG A 217 -16.42 -12.03 13.79
CA ARG A 217 -17.77 -12.03 14.37
C ARG A 217 -17.66 -12.28 15.86
N TYR A 218 -16.69 -13.10 16.26
CA TYR A 218 -16.46 -13.38 17.66
C TYR A 218 -16.07 -12.10 18.39
N ALA A 219 -15.15 -11.35 17.78
CA ALA A 219 -14.68 -10.09 18.36
C ALA A 219 -15.84 -9.10 18.49
N LEU A 220 -16.70 -9.07 17.46
CA LEU A 220 -17.85 -8.17 17.48
C LEU A 220 -18.73 -8.46 18.68
N ARG A 221 -18.95 -9.76 18.95
CA ARG A 221 -19.78 -10.15 20.07
C ARG A 221 -19.14 -9.83 21.41
N ARG A 222 -17.89 -10.25 21.59
CA ARG A 222 -17.18 -10.05 22.84
C ARG A 222 -16.68 -8.65 23.17
N SER A 223 -16.48 -7.82 22.17
CA SER A 223 -15.96 -6.48 22.43
C SER A 223 -16.99 -5.37 22.52
N PRO A 224 -16.84 -4.48 23.51
CA PRO A 224 -17.76 -3.35 23.69
C PRO A 224 -17.52 -2.38 22.53
N ALA A 225 -16.26 -2.28 22.13
CA ALA A 225 -15.87 -1.41 21.02
C ALA A 225 -15.91 -2.20 19.72
N THR A 226 -16.00 -1.49 18.59
CA THR A 226 -16.04 -2.15 17.30
C THR A 226 -14.63 -2.50 16.82
N PRO A 227 -14.36 -3.80 16.63
CA PRO A 227 -13.04 -4.24 16.17
C PRO A 227 -12.86 -3.94 14.68
N ARG A 228 -11.62 -3.86 14.25
CA ARG A 228 -11.32 -3.58 12.84
C ARG A 228 -10.35 -4.61 12.27
N LEU A 229 -10.78 -5.28 11.20
CA LEU A 229 -9.93 -6.27 10.54
C LEU A 229 -9.61 -5.74 9.15
N HIS A 230 -8.33 -5.80 8.78
CA HIS A 230 -7.90 -5.35 7.47
C HIS A 230 -7.17 -6.49 6.76
N VAL A 231 -7.70 -6.92 5.63
CA VAL A 231 -7.08 -7.99 4.86
C VAL A 231 -6.05 -7.39 3.90
N GLN A 232 -4.79 -7.75 4.12
CA GLN A 232 -3.71 -7.24 3.29
C GLN A 232 -3.62 -7.97 1.96
N HIS A 233 -2.63 -7.42 1.27
CA HIS A 233 -2.75 -7.86 -0.11
C HIS A 233 -3.87 -8.84 -0.43
N LEU A 234 -5.08 -8.65 -0.90
CA LEU A 234 -6.07 -9.66 -1.30
C LEU A 234 -5.75 -9.93 -2.76
N SER A 235 -5.59 -11.21 -3.12
CA SER A 235 -5.22 -11.53 -4.49
C SER A 235 -6.15 -12.44 -5.28
N THR A 236 -7.11 -13.08 -4.61
CA THR A 236 -8.00 -14.00 -5.30
C THR A 236 -9.44 -13.59 -5.44
N LYS A 237 -10.08 -14.17 -6.46
CA LYS A 237 -11.48 -13.93 -6.75
C LYS A 237 -12.32 -14.45 -5.59
N ARG A 238 -12.00 -15.65 -5.12
CA ARG A 238 -12.73 -16.25 -4.02
C ARG A 238 -12.59 -15.41 -2.75
N GLY A 239 -11.37 -14.94 -2.49
CA GLY A 239 -11.14 -14.11 -1.32
C GLY A 239 -11.95 -12.84 -1.42
N LEU A 240 -12.02 -12.28 -2.63
CA LEU A 240 -12.78 -11.06 -2.86
C LEU A 240 -14.26 -11.29 -2.58
N GLU A 241 -14.77 -12.44 -3.02
CA GLU A 241 -16.18 -12.77 -2.80
C GLU A 241 -16.45 -12.82 -1.30
N LEU A 242 -15.57 -13.48 -0.56
CA LEU A 242 -15.70 -13.59 0.89
C LEU A 242 -15.83 -12.22 1.52
N VAL A 243 -14.92 -11.32 1.16
CA VAL A 243 -14.94 -9.97 1.72
C VAL A 243 -16.18 -9.20 1.29
N ARG A 244 -16.58 -9.36 0.04
CA ARG A 244 -17.78 -8.67 -0.45
C ARG A 244 -19.01 -9.06 0.37
N GLU A 245 -19.17 -10.36 0.63
CA GLU A 245 -20.32 -10.83 1.41
C GLU A 245 -20.24 -10.39 2.86
N ALA A 246 -19.04 -10.37 3.42
CA ALA A 246 -18.87 -9.96 4.81
C ALA A 246 -19.30 -8.51 4.91
N LYS A 247 -18.88 -7.68 3.96
CA LYS A 247 -19.24 -6.28 3.97
C LYS A 247 -20.75 -6.12 3.84
N ARG A 248 -21.34 -6.87 2.94
CA ARG A 248 -22.79 -6.82 2.74
C ARG A 248 -23.47 -7.15 4.07
N ALA A 249 -22.84 -8.04 4.83
CA ALA A 249 -23.39 -8.44 6.12
C ALA A 249 -23.13 -7.40 7.20
N GLY A 250 -22.42 -6.33 6.84
CA GLY A 250 -22.16 -5.28 7.82
C GLY A 250 -20.92 -5.45 8.68
N LEU A 251 -20.08 -6.43 8.40
CA LEU A 251 -18.87 -6.64 9.18
C LEU A 251 -17.86 -5.51 8.97
N PRO A 252 -17.17 -5.09 10.05
CA PRO A 252 -16.18 -4.02 9.98
C PRO A 252 -14.84 -4.50 9.45
N VAL A 253 -14.82 -4.94 8.19
CA VAL A 253 -13.61 -5.43 7.58
C VAL A 253 -13.26 -4.59 6.36
N THR A 254 -11.97 -4.41 6.11
CA THR A 254 -11.51 -3.64 4.96
C THR A 254 -10.47 -4.49 4.21
N ALA A 255 -10.16 -4.10 2.99
CA ALA A 255 -9.21 -4.85 2.19
C ALA A 255 -8.42 -3.97 1.24
N GLU A 256 -7.22 -4.41 0.91
CA GLU A 256 -6.33 -3.70 0.00
C GLU A 256 -5.88 -4.63 -1.13
N ALA A 257 -5.40 -4.04 -2.21
CA ALA A 257 -4.90 -4.81 -3.35
C ALA A 257 -3.61 -4.13 -3.77
N THR A 258 -2.64 -4.92 -4.25
CA THR A 258 -1.36 -4.39 -4.68
C THR A 258 -1.26 -4.16 -6.19
N PRO A 259 -0.30 -3.32 -6.60
CA PRO A 259 -0.10 -3.03 -8.01
C PRO A 259 0.18 -4.30 -8.82
N HIS A 260 1.00 -5.20 -8.28
CA HIS A 260 1.30 -6.42 -9.01
C HIS A 260 0.14 -7.39 -9.15
N HIS A 261 -0.70 -7.52 -8.12
CA HIS A 261 -1.84 -8.42 -8.23
C HIS A 261 -2.91 -7.83 -9.15
N LEU A 262 -2.78 -6.54 -9.45
CA LEU A 262 -3.73 -5.86 -10.32
C LEU A 262 -3.24 -5.79 -11.77
N THR A 263 -1.94 -6.03 -11.99
CA THR A 263 -1.40 -5.96 -13.35
C THR A 263 -0.68 -7.21 -13.86
N LEU A 264 -0.23 -8.08 -12.97
CA LEU A 264 0.49 -9.28 -13.37
C LEU A 264 -0.26 -10.56 -12.99
N THR A 265 0.10 -11.67 -13.64
CA THR A 265 -0.53 -12.96 -13.35
C THR A 265 0.52 -14.05 -13.30
N GLU A 266 0.12 -15.24 -12.87
CA GLU A 266 1.02 -16.38 -12.78
C GLU A 266 1.81 -16.62 -14.07
N GLU A 267 1.22 -16.23 -15.20
CA GLU A 267 1.87 -16.41 -16.50
C GLU A 267 3.29 -15.86 -16.53
N ALA A 268 3.53 -14.78 -15.78
CA ALA A 268 4.84 -14.16 -15.74
C ALA A 268 5.95 -15.10 -15.24
N LEU A 269 5.56 -16.23 -14.64
CA LEU A 269 6.54 -17.17 -14.11
C LEU A 269 7.08 -18.18 -15.12
N ARG A 270 6.64 -18.10 -16.38
CA ARG A 270 7.09 -19.06 -17.37
C ARG A 270 8.60 -19.05 -17.61
N THR A 271 9.31 -18.10 -17.01
CA THR A 271 10.76 -17.99 -17.16
C THR A 271 11.48 -18.36 -15.89
N PHE A 272 10.74 -18.56 -14.81
CA PHE A 272 11.35 -18.88 -13.53
C PHE A 272 12.12 -17.66 -13.03
N ASP A 273 11.66 -16.47 -13.41
CA ASP A 273 12.30 -15.23 -12.99
C ASP A 273 11.81 -14.81 -11.61
N PRO A 274 12.71 -14.81 -10.61
CA PRO A 274 12.41 -14.44 -9.22
C PRO A 274 11.80 -13.06 -9.06
N LEU A 275 11.91 -12.23 -10.09
CA LEU A 275 11.33 -10.88 -10.04
C LEU A 275 9.82 -10.95 -9.88
N PHE A 276 9.24 -12.11 -10.20
CA PHE A 276 7.81 -12.30 -10.12
C PHE A 276 7.40 -13.22 -8.97
N LYS A 277 8.36 -13.53 -8.10
CA LYS A 277 8.11 -14.37 -6.94
C LYS A 277 7.67 -13.44 -5.81
N VAL A 278 6.42 -13.61 -5.38
CA VAL A 278 5.86 -12.74 -4.34
C VAL A 278 4.86 -13.50 -3.47
N ALA A 279 4.52 -12.93 -2.31
CA ALA A 279 3.58 -13.54 -1.39
C ALA A 279 2.48 -12.59 -0.96
N PRO A 280 1.20 -12.93 -1.22
CA PRO A 280 0.81 -14.18 -1.88
C PRO A 280 1.19 -14.10 -3.36
N PRO A 281 1.25 -15.26 -4.04
CA PRO A 281 1.61 -15.37 -5.45
C PRO A 281 0.74 -14.60 -6.42
N LEU A 282 1.26 -14.39 -7.62
CA LEU A 282 0.52 -13.73 -8.67
C LEU A 282 -0.51 -14.82 -9.04
N ARG A 283 -1.75 -14.42 -9.29
CA ARG A 283 -2.79 -15.39 -9.60
C ARG A 283 -3.16 -15.44 -11.08
N GLY A 284 -4.35 -15.98 -11.36
CA GLY A 284 -4.80 -16.08 -12.74
C GLY A 284 -5.49 -14.82 -13.23
N GLU A 285 -5.63 -14.71 -14.55
CA GLU A 285 -6.27 -13.54 -15.16
C GLU A 285 -7.67 -13.36 -14.58
N GLU A 286 -8.32 -14.48 -14.26
CA GLU A 286 -9.65 -14.46 -13.68
C GLU A 286 -9.63 -13.75 -12.33
N ASP A 287 -8.59 -14.02 -11.53
CA ASP A 287 -8.46 -13.39 -10.24
C ASP A 287 -8.20 -11.90 -10.43
N ARG A 288 -7.24 -11.58 -11.30
CA ARG A 288 -6.90 -10.18 -11.56
C ARG A 288 -8.12 -9.40 -12.02
N GLU A 289 -8.89 -10.00 -12.93
CA GLU A 289 -10.08 -9.35 -13.46
C GLU A 289 -11.09 -9.12 -12.34
N ALA A 290 -11.22 -10.09 -11.43
CA ALA A 290 -12.16 -9.95 -10.33
C ALA A 290 -11.75 -8.81 -9.41
N LEU A 291 -10.45 -8.65 -9.19
CA LEU A 291 -9.96 -7.58 -8.33
C LEU A 291 -10.31 -6.22 -8.92
N LEU A 292 -10.14 -6.07 -10.22
CA LEU A 292 -10.46 -4.81 -10.88
C LEU A 292 -11.92 -4.46 -10.62
N GLU A 293 -12.80 -5.47 -10.67
CA GLU A 293 -14.21 -5.25 -10.42
C GLU A 293 -14.38 -4.91 -8.93
N GLY A 294 -13.56 -5.52 -8.09
CA GLY A 294 -13.62 -5.24 -6.66
C GLY A 294 -13.20 -3.81 -6.37
N LEU A 295 -12.25 -3.28 -7.16
CA LEU A 295 -11.82 -1.91 -6.99
C LEU A 295 -12.99 -0.98 -7.30
N LEU A 296 -13.71 -1.30 -8.35
CA LEU A 296 -14.86 -0.49 -8.77
C LEU A 296 -16.04 -0.50 -7.82
N ASP A 297 -16.52 -1.69 -7.44
CA ASP A 297 -17.68 -1.77 -6.57
C ASP A 297 -17.43 -1.40 -5.12
N GLY A 298 -16.19 -1.09 -4.78
CA GLY A 298 -15.88 -0.70 -3.41
C GLY A 298 -15.51 -1.80 -2.43
N THR A 299 -15.52 -3.05 -2.88
CA THR A 299 -15.16 -4.15 -2.00
C THR A 299 -13.73 -3.95 -1.52
N LEU A 300 -12.88 -3.47 -2.43
CA LEU A 300 -11.49 -3.17 -2.07
C LEU A 300 -11.48 -1.71 -1.65
N ASP A 301 -10.95 -1.44 -0.46
CA ASP A 301 -10.92 -0.08 0.06
C ASP A 301 -9.72 0.73 -0.34
N ALA A 302 -8.62 0.06 -0.66
CA ALA A 302 -7.42 0.78 -1.02
C ALA A 302 -6.44 -0.03 -1.83
N ILE A 303 -5.50 0.67 -2.43
CA ILE A 303 -4.44 0.06 -3.20
C ILE A 303 -3.22 0.29 -2.33
N ALA A 304 -2.56 -0.81 -1.95
CA ALA A 304 -1.38 -0.75 -1.10
C ALA A 304 -0.26 -1.46 -1.83
N THR A 305 0.94 -0.90 -1.77
CA THR A 305 2.08 -1.45 -2.49
C THR A 305 2.63 -2.82 -2.09
N ASP A 306 2.80 -3.01 -0.79
CA ASP A 306 3.43 -4.20 -0.24
C ASP A 306 4.85 -4.14 -0.80
N HIS A 307 5.38 -2.92 -0.82
CA HIS A 307 6.73 -2.65 -1.28
C HIS A 307 7.66 -3.52 -0.44
N ALA A 308 8.21 -4.57 -1.05
CA ALA A 308 9.10 -5.51 -0.36
C ALA A 308 10.42 -5.64 -1.10
N PRO A 309 11.35 -4.71 -0.84
CA PRO A 309 12.66 -4.74 -1.51
C PRO A 309 13.69 -5.71 -0.93
N HIS A 310 14.59 -6.14 -1.81
CA HIS A 310 15.69 -7.05 -1.50
C HIS A 310 16.84 -6.57 -2.39
N THR A 311 18.00 -7.21 -2.31
CA THR A 311 19.11 -6.80 -3.16
C THR A 311 18.99 -7.51 -4.50
N LEU A 312 19.54 -6.89 -5.55
CA LEU A 312 19.48 -7.48 -6.87
C LEU A 312 20.10 -8.88 -6.85
N ALA A 313 21.21 -9.01 -6.15
CA ALA A 313 21.91 -10.29 -6.06
C ALA A 313 20.99 -11.40 -5.54
N GLU A 314 20.23 -11.09 -4.49
CA GLU A 314 19.32 -12.07 -3.91
C GLU A 314 18.25 -12.45 -4.93
N LYS A 315 17.76 -11.46 -5.67
CA LYS A 315 16.75 -11.70 -6.68
C LYS A 315 17.32 -12.38 -7.91
N GLU A 316 18.61 -12.66 -7.90
CA GLU A 316 19.25 -13.33 -9.03
C GLU A 316 19.56 -14.78 -8.72
N LYS A 317 19.15 -15.24 -7.54
CA LYS A 317 19.35 -16.63 -7.14
C LYS A 317 18.34 -17.46 -7.91
N ASP A 318 18.41 -18.78 -7.75
CA ASP A 318 17.45 -19.66 -8.41
C ASP A 318 16.08 -19.34 -7.82
N LEU A 319 15.05 -19.51 -8.64
CA LEU A 319 13.68 -19.23 -8.21
C LEU A 319 13.34 -19.79 -6.83
N LEU A 320 13.70 -21.04 -6.57
CA LEU A 320 13.39 -21.67 -5.29
C LEU A 320 14.12 -21.08 -4.09
N ARG A 321 15.29 -20.48 -4.32
CA ARG A 321 16.07 -19.90 -3.23
C ARG A 321 15.89 -18.40 -3.07
N ALA A 322 15.43 -17.74 -4.15
CA ALA A 322 15.24 -16.29 -4.11
C ALA A 322 14.14 -15.88 -3.13
N PRO A 323 14.28 -14.67 -2.56
CA PRO A 323 13.29 -14.17 -1.61
C PRO A 323 11.99 -13.75 -2.30
N PHE A 324 10.91 -13.72 -1.54
CA PHE A 324 9.60 -13.31 -2.04
C PHE A 324 9.55 -11.79 -1.97
N GLY A 325 8.93 -11.14 -2.95
CA GLY A 325 8.85 -9.69 -2.87
C GLY A 325 9.00 -8.86 -4.12
N ILE A 326 8.20 -7.80 -4.19
CA ILE A 326 8.23 -6.87 -5.32
C ILE A 326 8.23 -5.44 -4.79
N PRO A 327 9.14 -4.59 -5.31
CA PRO A 327 9.23 -3.18 -4.89
C PRO A 327 8.34 -2.39 -5.85
N SER A 328 7.72 -1.30 -5.40
CA SER A 328 6.85 -0.55 -6.31
C SER A 328 6.48 0.86 -5.89
N LEU A 329 7.01 1.33 -4.78
CA LEU A 329 6.69 2.67 -4.29
C LEU A 329 6.70 3.75 -5.37
N GLU A 330 7.79 3.83 -6.13
CA GLU A 330 7.92 4.85 -7.16
C GLU A 330 7.10 4.65 -8.44
N VAL A 331 6.61 3.43 -8.68
CA VAL A 331 5.86 3.20 -9.90
C VAL A 331 4.37 2.88 -9.72
N ALA A 332 3.98 2.57 -8.49
CA ALA A 332 2.59 2.23 -8.19
C ALA A 332 1.53 3.07 -8.88
N PHE A 333 1.53 4.39 -8.67
CA PHE A 333 0.50 5.19 -9.31
C PHE A 333 0.59 5.27 -10.83
N PRO A 334 1.75 5.66 -11.37
CA PRO A 334 1.81 5.72 -12.83
C PRO A 334 1.45 4.38 -13.48
N LEU A 335 1.85 3.29 -12.85
CA LEU A 335 1.56 1.94 -13.36
C LEU A 335 0.05 1.75 -13.50
N LEU A 336 -0.69 2.00 -12.43
CA LEU A 336 -2.13 1.82 -12.45
C LEU A 336 -2.89 2.90 -13.22
N TYR A 337 -2.32 4.10 -13.27
CA TYR A 337 -2.96 5.18 -14.03
C TYR A 337 -2.92 4.77 -15.50
N THR A 338 -1.83 4.12 -15.90
CA THR A 338 -1.65 3.68 -17.27
C THR A 338 -2.41 2.41 -17.60
N GLU A 339 -2.22 1.37 -16.81
CA GLU A 339 -2.88 0.09 -17.06
C GLU A 339 -4.37 0.05 -16.74
N LEU A 340 -4.80 0.81 -15.75
CA LEU A 340 -6.22 0.81 -15.38
C LEU A 340 -7.01 1.98 -15.96
N HIS A 341 -6.58 3.21 -15.70
CA HIS A 341 -7.32 4.36 -16.20
C HIS A 341 -7.23 4.57 -17.71
N LEU A 342 -6.03 4.72 -18.25
CA LEU A 342 -5.87 4.95 -19.67
C LEU A 342 -6.29 3.77 -20.54
N LYS A 343 -5.83 2.54 -20.21
CA LYS A 343 -6.08 1.40 -21.06
C LYS A 343 -7.44 0.77 -20.77
N ARG A 344 -7.96 0.75 -19.59
CA ARG A 344 -9.24 0.10 -19.30
C ARG A 344 -10.39 1.04 -18.97
N GLY A 345 -10.15 2.34 -19.07
CA GLY A 345 -11.20 3.30 -18.78
C GLY A 345 -11.61 3.39 -17.32
N PHE A 346 -10.80 2.84 -16.42
CA PHE A 346 -11.11 2.88 -14.99
C PHE A 346 -11.24 4.37 -14.59
N PRO A 347 -12.28 4.71 -13.82
CA PRO A 347 -12.50 6.10 -13.38
C PRO A 347 -11.33 6.71 -12.59
N LEU A 348 -10.86 7.88 -13.04
CA LEU A 348 -9.75 8.57 -12.39
C LEU A 348 -10.02 8.93 -10.94
N GLN A 349 -11.19 9.49 -10.66
CA GLN A 349 -11.50 9.88 -9.29
C GLN A 349 -11.51 8.68 -8.37
N ARG A 350 -11.94 7.54 -8.88
CA ARG A 350 -11.99 6.33 -8.09
C ARG A 350 -10.57 5.81 -7.85
N LEU A 351 -9.71 5.93 -8.86
CA LEU A 351 -8.33 5.48 -8.71
C LEU A 351 -7.64 6.34 -7.66
N VAL A 352 -7.84 7.65 -7.74
CA VAL A 352 -7.25 8.57 -6.78
C VAL A 352 -7.80 8.31 -5.39
N GLU A 353 -9.09 7.99 -5.30
CA GLU A 353 -9.70 7.70 -4.01
C GLU A 353 -8.99 6.52 -3.35
N LEU A 354 -8.67 5.51 -4.16
CA LEU A 354 -7.98 4.30 -3.69
C LEU A 354 -6.57 4.54 -3.17
N PHE A 355 -6.01 5.71 -3.49
CA PHE A 355 -4.67 6.08 -3.05
C PHE A 355 -4.73 7.15 -1.95
N THR A 356 -5.93 7.70 -1.76
CA THR A 356 -6.13 8.69 -0.70
C THR A 356 -7.16 8.33 0.38
N ASP A 357 -8.38 8.79 0.11
CA ASP A 357 -9.45 8.61 1.09
C ASP A 357 -9.53 7.17 1.60
N GLY A 358 -9.52 6.22 0.68
CA GLY A 358 -9.60 4.82 1.06
C GLY A 358 -8.59 4.46 2.14
N PRO A 359 -7.29 4.58 1.86
CA PRO A 359 -6.25 4.25 2.84
C PRO A 359 -6.42 5.02 4.17
N ARG A 360 -6.74 6.31 4.07
CA ARG A 360 -6.92 7.12 5.27
C ARG A 360 -8.05 6.61 6.14
N ARG A 361 -9.15 6.19 5.51
CA ARG A 361 -10.30 5.68 6.26
C ARG A 361 -9.97 4.35 6.92
N VAL A 362 -9.15 3.54 6.25
CA VAL A 362 -8.77 2.25 6.81
C VAL A 362 -8.10 2.47 8.17
N LEU A 363 -7.29 3.52 8.26
CA LEU A 363 -6.59 3.85 9.49
C LEU A 363 -7.44 4.66 10.44
N GLY A 364 -8.58 5.15 9.96
CA GLY A 364 -9.44 5.95 10.80
C GLY A 364 -9.06 7.42 10.77
N LEU A 365 -8.28 7.81 9.76
CA LEU A 365 -7.85 9.20 9.60
C LEU A 365 -8.86 9.95 8.76
N PRO A 366 -9.00 11.26 8.99
CA PRO A 366 -9.95 12.04 8.18
C PRO A 366 -9.42 12.18 6.75
N PRO A 367 -10.32 12.24 5.76
CA PRO A 367 -9.88 12.38 4.38
C PRO A 367 -9.30 13.77 4.10
N LEU A 368 -8.42 13.84 3.10
CA LEU A 368 -7.79 15.09 2.72
C LEU A 368 -8.31 15.42 1.31
N HIS A 369 -9.05 16.51 1.20
CA HIS A 369 -9.61 16.90 -0.09
C HIS A 369 -9.02 18.17 -0.69
N LEU A 370 -9.17 18.32 -2.01
CA LEU A 370 -8.66 19.51 -2.68
C LEU A 370 -9.72 20.58 -2.52
N GLU A 371 -9.63 21.33 -1.43
CA GLU A 371 -10.57 22.39 -1.13
C GLU A 371 -9.83 23.52 -0.42
N GLU A 372 -10.30 24.75 -0.58
CA GLU A 372 -9.66 25.88 0.04
C GLU A 372 -9.57 25.67 1.55
N GLY A 373 -8.41 26.01 2.12
CA GLY A 373 -8.23 25.86 3.55
C GLY A 373 -7.65 24.50 3.96
N ALA A 374 -7.63 23.56 3.01
CA ALA A 374 -7.11 22.23 3.28
C ALA A 374 -5.59 22.20 3.34
N GLU A 375 -5.04 21.24 4.09
CA GLU A 375 -3.61 21.06 4.23
C GLU A 375 -3.04 20.80 2.83
N ALA A 376 -2.00 21.53 2.46
CA ALA A 376 -1.40 21.38 1.13
C ALA A 376 -0.47 20.20 0.95
N SER A 377 -0.95 19.00 1.26
CA SER A 377 -0.17 17.79 1.05
C SER A 377 -0.79 17.26 -0.23
N LEU A 378 -0.11 17.54 -1.34
CA LEU A 378 -0.60 17.18 -2.66
C LEU A 378 0.47 16.59 -3.56
N VAL A 379 0.02 16.14 -4.72
CA VAL A 379 0.91 15.61 -5.73
C VAL A 379 0.37 16.03 -7.10
N LEU A 380 1.27 16.41 -7.98
CA LEU A 380 0.92 16.85 -9.32
C LEU A 380 1.34 15.77 -10.30
N LEU A 381 0.37 15.21 -11.03
CA LEU A 381 0.65 14.13 -11.99
C LEU A 381 0.70 14.63 -13.44
N SER A 382 1.71 14.18 -14.17
CA SER A 382 1.90 14.55 -15.57
C SER A 382 1.52 13.40 -16.51
N PRO A 383 0.94 13.73 -17.67
CA PRO A 383 0.53 12.72 -18.65
C PRO A 383 1.71 12.21 -19.49
N LYS A 384 2.85 12.88 -19.38
CA LYS A 384 4.06 12.51 -20.11
C LYS A 384 4.40 11.02 -19.94
N GLU A 385 4.72 10.35 -21.04
CA GLU A 385 5.06 8.93 -20.97
C GLU A 385 6.56 8.73 -20.94
N ARG A 386 7.02 7.89 -20.00
CA ARG A 386 8.42 7.57 -19.85
C ARG A 386 8.51 6.17 -19.27
N PRO A 387 9.56 5.43 -19.63
CA PRO A 387 9.75 4.07 -19.14
C PRO A 387 10.22 3.92 -17.71
N VAL A 388 9.84 2.81 -17.08
CA VAL A 388 10.28 2.53 -15.73
C VAL A 388 11.78 2.24 -15.88
N ASP A 389 12.61 3.03 -15.21
CA ASP A 389 14.05 2.88 -15.27
C ASP A 389 14.60 2.65 -13.86
N PRO A 390 14.81 1.36 -13.50
CA PRO A 390 15.32 0.99 -12.19
C PRO A 390 16.60 1.71 -11.75
N SER A 391 17.50 1.96 -12.68
CA SER A 391 18.76 2.63 -12.34
C SER A 391 18.49 4.04 -11.81
N ALA A 392 17.31 4.57 -12.09
CA ALA A 392 16.96 5.92 -11.64
C ALA A 392 16.12 5.91 -10.36
N PHE A 393 15.83 4.73 -9.83
CA PHE A 393 15.05 4.63 -8.60
C PHE A 393 15.79 5.23 -7.39
N ALA A 394 15.02 5.75 -6.45
CA ALA A 394 15.61 6.29 -5.23
C ALA A 394 15.71 5.09 -4.29
N SER A 395 14.79 4.14 -4.47
CA SER A 395 14.78 2.90 -3.68
C SER A 395 16.09 2.18 -4.00
N LYS A 396 16.61 1.44 -3.03
CA LYS A 396 17.86 0.71 -3.24
C LYS A 396 17.70 -0.53 -4.11
N ALA A 397 16.48 -1.03 -4.21
CA ALA A 397 16.21 -2.21 -5.03
C ALA A 397 16.17 -1.77 -6.50
N ARG A 398 17.33 -1.81 -7.15
CA ARG A 398 17.44 -1.38 -8.55
C ARG A 398 17.01 -2.42 -9.56
N TYR A 399 15.75 -2.84 -9.47
CA TYR A 399 15.19 -3.81 -10.40
C TYR A 399 13.68 -3.63 -10.32
N SER A 400 12.95 -4.23 -11.25
CA SER A 400 11.51 -4.09 -11.25
C SER A 400 10.85 -5.04 -12.23
N PRO A 401 9.76 -5.68 -11.83
CA PRO A 401 9.07 -6.60 -12.75
C PRO A 401 8.42 -5.81 -13.88
N TRP A 402 8.37 -4.48 -13.73
CA TRP A 402 7.79 -3.60 -14.74
C TRP A 402 8.88 -2.77 -15.43
N ALA A 403 10.13 -3.19 -15.29
CA ALA A 403 11.23 -2.48 -15.91
C ALA A 403 11.01 -2.31 -17.41
N GLY A 404 11.18 -1.09 -17.90
CA GLY A 404 10.99 -0.83 -19.31
C GLY A 404 9.59 -0.43 -19.71
N TRP A 405 8.60 -0.71 -18.86
CA TRP A 405 7.23 -0.36 -19.15
C TRP A 405 7.06 1.16 -19.33
N VAL A 406 6.50 1.56 -20.46
CA VAL A 406 6.27 2.96 -20.77
C VAL A 406 4.97 3.41 -20.10
N LEU A 407 5.08 4.27 -19.10
CA LEU A 407 3.91 4.73 -18.35
C LEU A 407 3.74 6.24 -18.32
N GLY A 408 2.48 6.64 -18.15
CA GLY A 408 2.16 8.05 -18.03
C GLY A 408 1.67 8.20 -16.60
N GLY A 409 1.38 9.43 -16.18
CA GLY A 409 0.90 9.63 -14.82
C GLY A 409 1.94 9.68 -13.72
N TRP A 410 3.19 9.96 -14.06
CA TRP A 410 4.23 10.05 -13.04
C TRP A 410 4.11 11.36 -12.29
N PRO A 411 4.41 11.34 -10.99
CA PRO A 411 4.34 12.57 -10.17
C PRO A 411 5.48 13.51 -10.59
N VAL A 412 5.19 14.80 -10.76
CA VAL A 412 6.23 15.75 -11.13
C VAL A 412 6.44 16.77 -10.03
N LEU A 413 5.57 16.72 -9.02
CA LEU A 413 5.66 17.62 -7.88
C LEU A 413 4.91 17.01 -6.71
N THR A 414 5.56 16.95 -5.55
CA THR A 414 4.93 16.42 -4.34
C THR A 414 5.15 17.40 -3.21
N LEU A 415 4.08 17.76 -2.53
CA LEU A 415 4.16 18.70 -1.42
C LEU A 415 3.61 18.11 -0.13
N VAL A 416 4.33 18.36 0.96
CA VAL A 416 3.90 17.90 2.29
C VAL A 416 3.64 19.19 3.06
N ALA A 417 2.37 19.50 3.29
CA ALA A 417 1.99 20.72 4.01
C ALA A 417 2.63 21.95 3.36
N GLY A 418 2.61 21.99 2.03
CA GLY A 418 3.16 23.12 1.31
C GLY A 418 4.63 23.03 0.97
N ARG A 419 5.38 22.18 1.67
CA ARG A 419 6.80 22.06 1.40
C ARG A 419 7.09 21.15 0.20
N ILE A 420 7.98 21.59 -0.67
CA ILE A 420 8.37 20.80 -1.84
C ILE A 420 9.33 19.69 -1.41
N VAL A 421 8.88 18.43 -1.49
CA VAL A 421 9.73 17.31 -1.12
C VAL A 421 10.18 16.54 -2.34
N HIS A 422 9.54 16.81 -3.47
CA HIS A 422 9.87 16.17 -4.73
C HIS A 422 9.45 17.07 -5.87
N GLU A 423 10.34 17.25 -6.84
CA GLU A 423 10.05 18.08 -7.99
C GLU A 423 10.81 17.55 -9.19
N ALA A 424 10.09 17.34 -10.29
CA ALA A 424 10.69 16.84 -11.52
C ALA A 424 9.89 17.42 -12.69
N LEU A 425 9.63 18.71 -12.61
CA LEU A 425 8.87 19.41 -13.66
C LEU A 425 9.67 19.45 -14.97
N LYS A 426 9.31 19.21 -16.21
CA LYS A 426 10.40 18.68 -17.02
C LYS A 426 10.50 19.42 -18.36
ZN ZN B . 3.94 -7.36 3.24
ZN ZN C . 2.15 -10.14 3.44
#